data_4AFA
#
_entry.id   4AFA
#
_cell.length_a   74.560
_cell.length_b   104.040
_cell.length_c   69.150
_cell.angle_alpha   90.00
_cell.angle_beta   90.00
_cell.angle_gamma   90.00
#
_symmetry.space_group_name_H-M   'C 2 2 21'
#
loop_
_entity.id
_entity.type
_entity.pdbx_description
1 polymer EPA1P
2 branched beta-D-galactopyranose-(1-3)-alpha-D-glucopyranose
3 non-polymer 'CALCIUM ION'
4 non-polymer DI(HYDROXYETHYL)ETHER
5 non-polymer GLYCEROL
6 water water
#
_entity_poly.entity_id   1
_entity_poly.type   'polypeptide(L)'
_entity_poly.pdbx_seq_one_letter_code
;MGSSHHHHHHSSGLVPRGSHMTSSNDISLASKDPTTFPLGCSPDITTPKKGLSMELYSYDFRKKGSYPCWDAAYLDPNYP
RTGYKSHRLLAKVDGVTGNINFYYHATKGCTPQLGHLPASYNYPKPLTMTNFTMLLYGYFRPKVTGFHTFTISADDLLFV
NFGAGNAFDCCRRDSSADHFGNYQAYAIWGSKTAKDELTVHLDAGVYYPIRLFYNNRDNNGALSFTFKTESNENTVSDFS
EYFFSLDDTEEGCPGLISYDSS
;
_entity_poly.pdbx_strand_id   A
#
loop_
_chem_comp.id
_chem_comp.type
_chem_comp.name
_chem_comp.formula
CA non-polymer 'CALCIUM ION' 'Ca 2'
GAL D-saccharide, beta linking beta-D-galactopyranose 'C6 H12 O6'
GLC D-saccharide, alpha linking alpha-D-glucopyranose 'C6 H12 O6'
GOL non-polymer GLYCEROL 'C3 H8 O3'
PEG non-polymer DI(HYDROXYETHYL)ETHER 'C4 H10 O3'
#
# COMPACT_ATOMS: atom_id res chain seq x y z
N SER A 31 -19.14 -3.50 7.65
CA SER A 31 -18.55 -4.86 7.44
C SER A 31 -17.06 -4.74 7.12
N LYS A 32 -16.35 -5.86 7.25
CA LYS A 32 -14.91 -5.93 6.91
C LYS A 32 -14.67 -6.55 5.51
N ASP A 33 -15.71 -7.10 4.91
CA ASP A 33 -15.59 -7.70 3.59
C ASP A 33 -15.42 -6.65 2.47
N PRO A 34 -14.75 -7.04 1.38
CA PRO A 34 -14.60 -6.18 0.20
C PRO A 34 -15.92 -6.01 -0.54
N THR A 35 -16.16 -4.79 -1.06
CA THR A 35 -17.39 -4.48 -1.77
C THR A 35 -17.15 -3.53 -2.94
N THR A 36 -18.09 -3.54 -3.88
CA THR A 36 -18.19 -2.54 -4.93
C THR A 36 -18.61 -1.15 -4.40
N PHE A 37 -19.17 -1.09 -3.19
CA PHE A 37 -19.62 0.16 -2.56
C PHE A 37 -19.00 0.35 -1.17
N PRO A 38 -17.66 0.58 -1.11
CA PRO A 38 -17.03 0.70 0.21
C PRO A 38 -17.58 1.89 0.99
N LEU A 39 -17.49 1.77 2.30
CA LEU A 39 -17.87 2.84 3.20
C LEU A 39 -16.68 3.76 3.40
N GLY A 40 -16.97 5.05 3.54
CA GLY A 40 -15.96 6.07 3.68
C GLY A 40 -16.11 6.81 4.99
N CYS A 41 -15.34 7.88 5.15
CA CYS A 41 -15.25 8.62 6.40
C CYS A 41 -15.39 10.11 6.18
N SER A 42 -15.94 10.81 7.17
CA SER A 42 -16.11 12.27 7.11
C SER A 42 -15.41 12.92 8.30
N PRO A 43 -14.17 13.43 8.09
CA PRO A 43 -13.46 14.11 9.17
C PRO A 43 -14.07 15.48 9.52
N ASP A 44 -13.89 15.89 10.77
CA ASP A 44 -14.32 17.22 11.24
C ASP A 44 -13.21 18.26 10.98
N ILE A 45 -13.13 19.27 11.85
CA ILE A 45 -12.25 20.46 11.68
C ILE A 45 -10.79 20.16 11.31
N THR A 46 -10.09 19.37 12.15
CA THR A 46 -8.65 19.15 11.98
C THR A 46 -8.34 18.80 10.52
N THR A 47 -7.51 19.59 9.86
CA THR A 47 -7.31 19.45 8.43
C THR A 47 -6.51 18.17 8.12
N PRO A 48 -6.99 17.37 7.14
CA PRO A 48 -6.21 16.22 6.68
C PRO A 48 -4.79 16.61 6.31
N LYS A 49 -3.83 15.79 6.71
CA LYS A 49 -2.45 15.95 6.32
C LYS A 49 -2.23 15.28 4.95
N LYS A 50 -1.48 15.93 4.07
CA LYS A 50 -1.14 15.34 2.77
C LYS A 50 -0.36 14.04 2.93
N GLY A 51 -0.77 13.03 2.17
CA GLY A 51 0.02 11.83 2.02
C GLY A 51 -0.35 10.69 2.96
N LEU A 52 0.13 9.50 2.61
CA LEU A 52 -0.01 8.31 3.45
C LEU A 52 1.16 8.19 4.46
N SER A 53 0.97 7.34 5.48
CA SER A 53 2.07 6.91 6.38
C SER A 53 2.67 5.64 5.80
N MET A 54 3.99 5.49 5.96
CA MET A 54 4.72 4.32 5.44
CA MET A 54 4.67 4.30 5.47
C MET A 54 5.52 3.67 6.57
N GLU A 55 5.58 2.35 6.57
CA GLU A 55 6.46 1.58 7.47
C GLU A 55 7.32 0.65 6.63
N LEU A 56 8.64 0.70 6.82
CA LEU A 56 9.58 -0.16 6.09
CA LEU A 56 9.57 -0.15 6.08
C LEU A 56 10.11 -1.24 7.00
N TYR A 57 10.11 -2.49 6.53
CA TYR A 57 10.69 -3.61 7.30
C TYR A 57 11.71 -4.38 6.50
N SER A 58 12.67 -5.01 7.20
CA SER A 58 13.64 -5.86 6.52
CA SER A 58 13.64 -5.90 6.58
C SER A 58 12.95 -7.11 5.98
N TYR A 59 13.58 -7.73 5.00
CA TYR A 59 13.11 -9.03 4.51
C TYR A 59 14.31 -9.76 3.93
N ASP A 60 14.78 -10.75 4.68
CA ASP A 60 16.02 -11.41 4.36
C ASP A 60 15.90 -12.51 3.29
N PHE A 61 17.02 -12.73 2.62
CA PHE A 61 17.24 -13.95 1.86
C PHE A 61 17.47 -15.09 2.84
N ARG A 62 17.46 -16.30 2.34
CA ARG A 62 17.87 -17.46 3.14
C ARG A 62 19.40 -17.53 3.15
N LYS A 63 19.95 -18.31 4.08
CA LYS A 63 21.39 -18.60 4.13
C LYS A 63 21.95 -18.93 2.74
N LYS A 64 23.19 -18.49 2.48
CA LYS A 64 23.87 -18.81 1.23
C LYS A 64 23.85 -20.34 0.99
N GLY A 65 23.62 -20.73 -0.26
CA GLY A 65 23.48 -22.14 -0.62
C GLY A 65 22.05 -22.65 -0.66
N SER A 66 21.11 -21.94 -0.03
CA SER A 66 19.70 -22.38 -0.02
C SER A 66 19.12 -22.34 -1.43
N TYR A 67 18.18 -23.24 -1.71
CA TYR A 67 17.54 -23.31 -3.03
C TYR A 67 16.02 -23.26 -2.85
N PRO A 68 15.34 -22.21 -3.37
CA PRO A 68 15.91 -20.99 -3.96
C PRO A 68 16.56 -20.13 -2.88
N CYS A 69 17.29 -19.11 -3.31
CA CYS A 69 17.97 -18.20 -2.39
C CYS A 69 16.99 -17.36 -1.58
N TRP A 70 15.83 -17.09 -2.16
CA TRP A 70 14.83 -16.28 -1.49
C TRP A 70 13.93 -17.06 -0.54
N ASP A 71 13.36 -16.34 0.41
CA ASP A 71 12.42 -16.84 1.40
C ASP A 71 10.97 -16.64 0.93
N ALA A 72 10.17 -17.70 1.04
CA ALA A 72 8.77 -17.72 0.62
C ALA A 72 7.82 -17.30 1.74
N ALA A 73 8.39 -16.87 2.87
CA ALA A 73 7.64 -16.41 4.05
C ALA A 73 6.62 -15.32 3.73
N TYR A 74 6.94 -14.47 2.74
CA TYR A 74 6.04 -13.39 2.33
C TYR A 74 4.68 -13.88 1.81
N LEU A 75 4.60 -15.17 1.43
CA LEU A 75 3.36 -15.79 0.91
C LEU A 75 2.57 -16.59 1.98
N ASP A 76 3.06 -16.60 3.21
CA ASP A 76 2.28 -17.11 4.32
C ASP A 76 1.03 -16.21 4.44
N PRO A 77 -0.17 -16.81 4.55
CA PRO A 77 -1.40 -15.99 4.61
C PRO A 77 -1.43 -14.94 5.75
N ASN A 78 -0.72 -15.19 6.86
CA ASN A 78 -0.66 -14.22 7.96
C ASN A 78 0.53 -13.24 7.87
N TYR A 79 1.40 -13.37 6.87
CA TYR A 79 2.57 -12.49 6.77
C TYR A 79 2.17 -11.00 6.77
N PRO A 80 1.15 -10.61 5.96
CA PRO A 80 0.71 -9.21 5.90
C PRO A 80 -0.13 -8.76 7.10
N ARG A 81 -0.54 -9.68 7.96
CA ARG A 81 -1.27 -9.34 9.19
C ARG A 81 -0.34 -9.29 10.41
N THR A 82 0.34 -10.40 10.70
CA THR A 82 1.22 -10.47 11.88
C THR A 82 2.68 -10.84 11.60
N GLY A 83 2.93 -11.53 10.48
CA GLY A 83 4.27 -12.04 10.15
C GLY A 83 5.34 -10.98 9.99
N TYR A 84 5.02 -9.93 9.24
CA TYR A 84 5.98 -8.84 8.98
C TYR A 84 6.49 -8.16 10.25
N LYS A 85 5.69 -8.16 11.31
CA LYS A 85 6.02 -7.49 12.57
C LYS A 85 7.26 -8.07 13.24
N SER A 86 7.52 -9.36 13.00
CA SER A 86 8.69 -10.01 13.59
C SER A 86 10.01 -9.59 12.95
N HIS A 87 9.93 -8.90 11.81
CA HIS A 87 11.12 -8.43 11.09
C HIS A 87 11.61 -7.08 11.62
N ARG A 88 12.76 -6.65 11.15
CA ARG A 88 13.37 -5.41 11.61
C ARG A 88 12.58 -4.22 11.07
N LEU A 89 12.11 -3.35 11.96
CA LEU A 89 11.54 -2.07 11.55
C LEU A 89 12.69 -1.16 11.10
N LEU A 90 12.64 -0.70 9.86
CA LEU A 90 13.67 0.20 9.33
C LEU A 90 13.27 1.66 9.48
N ALA A 91 11.99 1.94 9.25
CA ALA A 91 11.52 3.30 9.28
C ALA A 91 10.01 3.38 9.33
N LYS A 92 9.53 4.53 9.81
CA LYS A 92 8.14 4.93 9.68
CA LYS A 92 8.14 4.93 9.68
C LYS A 92 8.12 6.41 9.33
N VAL A 93 7.44 6.76 8.23
CA VAL A 93 7.44 8.12 7.71
CA VAL A 93 7.46 8.11 7.66
C VAL A 93 6.02 8.56 7.36
N ASP A 94 5.81 9.88 7.34
CA ASP A 94 4.52 10.45 6.98
C ASP A 94 4.73 11.20 5.67
N GLY A 95 3.63 11.66 5.09
CA GLY A 95 3.69 12.53 3.91
C GLY A 95 4.01 11.83 2.60
N VAL A 96 3.75 10.54 2.53
CA VAL A 96 3.98 9.80 1.30
C VAL A 96 2.87 10.14 0.30
N THR A 97 3.23 10.83 -0.78
CA THR A 97 2.26 11.15 -1.81
C THR A 97 2.96 11.55 -3.11
N GLY A 98 2.18 11.88 -4.13
CA GLY A 98 2.72 12.10 -5.47
C GLY A 98 2.61 10.80 -6.22
N ASN A 99 3.54 10.57 -7.14
CA ASN A 99 3.61 9.33 -7.89
C ASN A 99 4.40 8.32 -7.07
N ILE A 100 3.74 7.22 -6.66
CA ILE A 100 4.34 6.22 -5.78
C ILE A 100 4.84 4.97 -6.50
N ASN A 101 4.76 4.98 -7.82
CA ASN A 101 5.21 3.88 -8.64
C ASN A 101 6.74 3.86 -8.64
N PHE A 102 7.30 2.65 -8.73
CA PHE A 102 8.73 2.49 -8.90
C PHE A 102 9.06 1.20 -9.60
N TYR A 103 10.22 1.20 -10.26
CA TYR A 103 10.83 -0.01 -10.74
C TYR A 103 12.31 0.04 -10.39
N TYR A 104 12.74 -0.91 -9.56
CA TYR A 104 14.12 -1.00 -9.12
C TYR A 104 14.76 -2.16 -9.83
N HIS A 105 15.74 -1.85 -10.70
CA HIS A 105 16.51 -2.86 -11.39
C HIS A 105 17.71 -3.30 -10.59
N ALA A 106 17.72 -4.57 -10.20
CA ALA A 106 18.89 -5.24 -9.63
C ALA A 106 19.81 -5.66 -10.75
N THR A 107 21.12 -5.81 -10.47
CA THR A 107 22.05 -6.33 -11.48
C THR A 107 22.00 -7.86 -11.56
N LYS A 108 21.59 -8.51 -10.47
CA LYS A 108 21.47 -9.97 -10.43
C LYS A 108 20.61 -10.41 -9.27
N GLY A 109 20.15 -11.67 -9.32
CA GLY A 109 19.36 -12.26 -8.26
C GLY A 109 20.19 -12.73 -7.09
N CYS A 110 19.48 -13.15 -6.04
CA CYS A 110 20.06 -13.82 -4.87
C CYS A 110 21.08 -12.95 -4.13
N THR A 111 20.93 -11.64 -4.23
CA THR A 111 21.92 -10.71 -3.72
C THR A 111 21.30 -9.46 -3.14
N PRO A 112 21.61 -9.14 -1.86
CA PRO A 112 21.12 -7.88 -1.34
C PRO A 112 21.83 -6.71 -2.02
N GLN A 113 21.05 -5.79 -2.58
CA GLN A 113 21.59 -4.64 -3.31
C GLN A 113 20.85 -3.41 -2.84
N LEU A 114 21.59 -2.31 -2.77
CA LEU A 114 21.06 -1.07 -2.26
C LEU A 114 20.34 -0.29 -3.35
N GLY A 115 19.46 0.59 -2.92
CA GLY A 115 18.68 1.46 -3.80
C GLY A 115 17.86 2.44 -2.99
N HIS A 116 17.14 3.31 -3.69
CA HIS A 116 16.35 4.36 -3.06
C HIS A 116 14.94 4.33 -3.59
N LEU A 117 13.98 4.58 -2.71
CA LEU A 117 12.60 4.78 -3.08
C LEU A 117 12.50 6.14 -3.77
N PRO A 118 11.49 6.31 -4.64
CA PRO A 118 11.19 7.65 -5.18
C PRO A 118 11.02 8.71 -4.10
N ALA A 119 11.38 9.94 -4.42
CA ALA A 119 11.24 11.09 -3.52
C ALA A 119 9.88 11.19 -2.82
N SER A 120 8.83 10.76 -3.53
CA SER A 120 7.45 10.74 -3.05
C SER A 120 7.26 9.99 -1.73
N TYR A 121 8.19 9.08 -1.43
CA TYR A 121 8.15 8.29 -0.21
C TYR A 121 8.77 8.99 0.99
N ASN A 122 9.31 10.19 0.77
N ASN A 122 9.34 10.17 0.76
CA ASN A 122 9.87 11.02 1.83
CA ASN A 122 9.85 11.01 1.84
C ASN A 122 10.86 10.26 2.70
C ASN A 122 10.92 10.31 2.68
N TYR A 123 11.68 9.42 2.06
CA TYR A 123 12.66 8.60 2.77
C TYR A 123 13.98 8.64 1.99
N PRO A 124 14.93 9.45 2.47
CA PRO A 124 16.16 9.74 1.73
C PRO A 124 17.30 8.74 1.94
N LYS A 125 17.08 7.67 2.70
CA LYS A 125 18.17 6.74 2.97
C LYS A 125 18.11 5.53 2.05
N PRO A 126 19.30 4.97 1.74
CA PRO A 126 19.32 3.77 0.92
C PRO A 126 18.79 2.59 1.73
N LEU A 127 18.28 1.58 1.03
CA LEU A 127 17.82 0.35 1.66
C LEU A 127 18.04 -0.77 0.69
N THR A 128 17.83 -2.00 1.14
CA THR A 128 17.98 -3.18 0.30
C THR A 128 16.72 -3.34 -0.55
N MET A 129 16.70 -2.64 -1.67
CA MET A 129 15.51 -2.59 -2.55
CA MET A 129 15.49 -2.61 -2.49
C MET A 129 15.21 -3.94 -3.19
N THR A 130 16.20 -4.84 -3.16
CA THR A 130 16.06 -6.21 -3.66
C THR A 130 15.21 -7.07 -2.73
N ASN A 131 15.12 -6.69 -1.47
CA ASN A 131 14.52 -7.56 -0.47
C ASN A 131 14.04 -6.75 0.72
N PHE A 132 12.77 -6.38 0.70
CA PHE A 132 12.17 -5.62 1.78
C PHE A 132 10.65 -5.68 1.72
N THR A 133 10.05 -5.28 2.84
CA THR A 133 8.60 -5.24 2.99
C THR A 133 8.22 -3.81 3.37
N MET A 134 7.06 -3.38 2.88
CA MET A 134 6.62 -2.01 3.05
C MET A 134 5.09 -1.97 3.20
N LEU A 135 4.63 -1.17 4.16
CA LEU A 135 3.21 -0.98 4.44
C LEU A 135 2.85 0.50 4.30
N LEU A 136 1.79 0.79 3.56
CA LEU A 136 1.28 2.16 3.40
C LEU A 136 -0.16 2.18 3.83
N TYR A 137 -0.56 3.23 4.54
CA TYR A 137 -1.96 3.34 4.97
CA TYR A 137 -1.95 3.34 4.99
C TYR A 137 -2.37 4.80 5.12
N GLY A 138 -3.66 5.04 4.94
CA GLY A 138 -4.19 6.38 5.05
C GLY A 138 -5.56 6.38 4.44
N TYR A 139 -5.92 7.50 3.81
CA TYR A 139 -7.21 7.64 3.16
C TYR A 139 -7.07 8.14 1.73
N PHE A 140 -7.94 7.62 0.87
CA PHE A 140 -8.12 8.08 -0.51
C PHE A 140 -9.37 8.98 -0.62
N ARG A 141 -9.17 10.16 -1.19
CA ARG A 141 -10.22 11.14 -1.35
C ARG A 141 -10.48 11.34 -2.85
N PRO A 142 -11.67 10.94 -3.34
CA PRO A 142 -11.98 11.14 -4.74
C PRO A 142 -12.30 12.60 -5.08
N LYS A 143 -12.06 12.95 -6.35
CA LYS A 143 -12.52 14.22 -6.94
C LYS A 143 -13.86 14.04 -7.67
N VAL A 144 -14.28 12.81 -7.93
CA VAL A 144 -15.54 12.57 -8.62
C VAL A 144 -16.37 11.50 -7.94
N THR A 145 -17.68 11.62 -8.12
CA THR A 145 -18.61 10.61 -7.65
C THR A 145 -18.92 9.70 -8.83
N GLY A 146 -18.57 8.42 -8.67
CA GLY A 146 -18.78 7.43 -9.73
C GLY A 146 -17.81 6.29 -9.61
N PHE A 147 -17.85 5.40 -10.58
CA PHE A 147 -16.99 4.23 -10.59
C PHE A 147 -15.53 4.60 -10.86
N HIS A 148 -14.66 4.07 -10.00
CA HIS A 148 -13.22 4.22 -10.09
C HIS A 148 -12.67 2.81 -10.35
N THR A 149 -11.78 2.64 -11.33
CA THR A 149 -11.01 1.39 -11.45
C THR A 149 -9.53 1.63 -11.13
N PHE A 150 -9.08 1.04 -10.03
CA PHE A 150 -7.67 1.11 -9.65
C PHE A 150 -7.01 -0.10 -10.27
N THR A 151 -5.86 0.11 -10.91
CA THR A 151 -5.09 -0.99 -11.49
C THR A 151 -3.77 -1.10 -10.75
N ILE A 152 -3.40 -2.32 -10.37
CA ILE A 152 -2.16 -2.56 -9.67
C ILE A 152 -1.31 -3.64 -10.35
N SER A 153 0.00 -3.49 -10.25
CA SER A 153 0.91 -4.59 -10.51
C SER A 153 2.06 -4.48 -9.52
N ALA A 154 2.82 -5.55 -9.39
CA ALA A 154 3.89 -5.60 -8.43
C ALA A 154 4.85 -6.75 -8.65
N ASP A 155 6.08 -6.53 -8.21
CA ASP A 155 7.10 -7.55 -8.14
C ASP A 155 7.73 -7.27 -6.78
N ASP A 156 7.47 -8.09 -5.77
CA ASP A 156 6.78 -9.37 -5.87
C ASP A 156 5.30 -9.35 -5.51
N LEU A 157 4.90 -8.45 -4.62
CA LEU A 157 3.58 -8.55 -4.02
C LEU A 157 3.07 -7.20 -3.59
N LEU A 158 1.80 -6.94 -3.97
CA LEU A 158 1.02 -5.81 -3.51
C LEU A 158 -0.40 -6.28 -3.16
N PHE A 159 -0.75 -6.15 -1.88
CA PHE A 159 -2.09 -6.44 -1.36
C PHE A 159 -2.81 -5.14 -0.97
N VAL A 160 -4.00 -4.90 -1.52
CA VAL A 160 -4.75 -3.66 -1.25
C VAL A 160 -6.04 -3.99 -0.48
N ASN A 161 -6.22 -3.29 0.63
CA ASN A 161 -7.52 -3.18 1.26
C ASN A 161 -8.05 -1.78 1.05
N PHE A 162 -9.36 -1.67 0.93
CA PHE A 162 -9.99 -0.41 0.59
C PHE A 162 -11.40 -0.35 1.19
N GLY A 163 -11.65 0.69 1.98
CA GLY A 163 -12.96 0.99 2.55
C GLY A 163 -12.97 0.85 4.07
N ALA A 164 -13.85 1.60 4.73
CA ALA A 164 -14.08 1.45 6.18
C ALA A 164 -14.33 -0.02 6.53
N GLY A 165 -13.75 -0.46 7.64
CA GLY A 165 -13.73 -1.88 8.00
C GLY A 165 -12.73 -2.70 7.18
N ASN A 166 -12.91 -2.79 5.85
CA ASN A 166 -12.03 -3.60 5.00
C ASN A 166 -10.56 -3.23 5.22
N ALA A 167 -10.23 -1.95 5.08
CA ALA A 167 -8.88 -1.49 5.37
C ALA A 167 -8.76 -1.31 6.87
N PHE A 168 -9.49 -0.33 7.41
CA PHE A 168 -9.52 -0.03 8.85
C PHE A 168 -10.69 0.93 9.18
N ASP A 169 -10.92 1.19 10.47
CA ASP A 169 -12.07 1.98 10.93
C ASP A 169 -11.83 3.50 10.91
N CYS A 170 -12.89 4.24 10.58
CA CYS A 170 -12.86 5.70 10.44
C CYS A 170 -12.36 6.45 11.68
N CYS A 171 -11.17 7.04 11.53
CA CYS A 171 -10.45 7.72 12.62
C CYS A 171 -10.28 6.84 13.86
N ARG A 172 -10.27 5.53 13.64
CA ARG A 172 -10.03 4.51 14.68
C ARG A 172 -9.05 3.46 14.11
N ARG A 173 -7.99 3.93 13.47
CA ARG A 173 -7.03 3.04 12.80
C ARG A 173 -6.21 2.19 13.78
N ASP A 174 -5.69 2.80 14.85
CA ASP A 174 -4.89 2.07 15.83
C ASP A 174 -5.71 0.93 16.45
N SER A 175 -6.97 1.22 16.75
CA SER A 175 -7.90 0.20 17.27
C SER A 175 -8.28 -0.93 16.27
N SER A 176 -8.12 -0.71 14.97
CA SER A 176 -8.63 -1.65 13.96
C SER A 176 -7.61 -2.08 12.89
N ALA A 177 -6.34 -1.71 13.06
CA ALA A 177 -5.34 -1.86 11.97
C ALA A 177 -4.99 -3.30 11.60
N ASP A 178 -5.06 -4.20 12.58
CA ASP A 178 -4.77 -5.61 12.37
C ASP A 178 -6.00 -6.42 11.94
N HIS A 179 -7.16 -5.76 11.87
CA HIS A 179 -8.42 -6.44 11.62
C HIS A 179 -8.96 -6.26 10.20
N PHE A 180 -8.06 -5.90 9.28
CA PHE A 180 -8.42 -5.73 7.87
C PHE A 180 -9.00 -7.03 7.31
N GLY A 181 -9.92 -6.92 6.35
CA GLY A 181 -10.59 -8.08 5.78
C GLY A 181 -9.93 -8.60 4.51
N ASN A 182 -10.70 -9.37 3.74
CA ASN A 182 -10.24 -9.91 2.46
C ASN A 182 -9.79 -8.80 1.52
N TYR A 183 -8.76 -9.11 0.74
CA TYR A 183 -8.14 -8.12 -0.11
C TYR A 183 -9.13 -7.74 -1.21
N GLN A 184 -9.21 -6.43 -1.47
CA GLN A 184 -10.00 -5.90 -2.59
C GLN A 184 -9.31 -6.22 -3.93
N ALA A 185 -7.98 -6.21 -3.91
CA ALA A 185 -7.17 -6.47 -5.07
C ALA A 185 -5.81 -6.94 -4.61
N TYR A 186 -5.18 -7.80 -5.42
CA TYR A 186 -3.84 -8.24 -5.14
C TYR A 186 -3.09 -8.70 -6.38
N ALA A 187 -1.78 -8.46 -6.36
CA ALA A 187 -0.88 -8.80 -7.47
C ALA A 187 0.34 -9.50 -6.88
N ILE A 188 0.66 -10.67 -7.44
CA ILE A 188 1.82 -11.44 -7.04
C ILE A 188 2.62 -11.79 -8.29
N TRP A 189 3.89 -11.42 -8.32
CA TRP A 189 4.78 -11.81 -9.41
C TRP A 189 4.90 -13.34 -9.44
N GLY A 190 4.68 -13.92 -10.63
CA GLY A 190 4.72 -15.36 -10.82
C GLY A 190 3.38 -15.94 -11.20
N SER A 191 2.31 -15.21 -10.89
CA SER A 191 0.97 -15.50 -11.37
C SER A 191 0.86 -15.26 -12.89
N LYS A 192 -0.29 -15.64 -13.45
CA LYS A 192 -0.56 -15.47 -14.87
C LYS A 192 -0.20 -14.04 -15.30
N THR A 193 -0.78 -13.06 -14.62
N THR A 193 -0.83 -13.08 -14.65
CA THR A 193 -0.68 -11.65 -15.00
CA THR A 193 -0.35 -11.72 -14.66
C THR A 193 0.28 -10.81 -14.14
C THR A 193 -0.17 -11.34 -13.20
N ALA A 194 0.26 -11.03 -12.83
N ALA A 194 0.92 -10.64 -12.91
CA ALA A 194 0.97 -10.18 -11.86
CA ALA A 194 1.07 -10.00 -11.63
C ALA A 194 0.34 -8.77 -11.79
C ALA A 194 0.32 -8.68 -11.68
N LYS A 195 -0.95 -8.71 -12.12
CA LYS A 195 -1.74 -7.48 -12.28
C LYS A 195 -3.18 -7.74 -11.84
N ASP A 196 -3.80 -6.76 -11.21
CA ASP A 196 -5.19 -6.88 -10.76
C ASP A 196 -5.87 -5.53 -10.82
N GLU A 197 -7.19 -5.54 -10.75
CA GLU A 197 -7.93 -4.31 -10.69
C GLU A 197 -9.03 -4.38 -9.63
N LEU A 198 -9.35 -3.20 -9.12
CA LEU A 198 -10.46 -2.99 -8.21
C LEU A 198 -11.34 -1.89 -8.78
N THR A 199 -12.61 -2.20 -8.99
CA THR A 199 -13.59 -1.23 -9.42
C THR A 199 -14.58 -0.98 -8.30
N VAL A 200 -14.71 0.29 -7.92
CA VAL A 200 -15.53 0.70 -6.81
C VAL A 200 -16.26 2.02 -7.09
N HIS A 201 -17.46 2.13 -6.55
CA HIS A 201 -18.22 3.38 -6.62
C HIS A 201 -17.90 4.22 -5.39
N LEU A 202 -17.43 5.43 -5.64
CA LEU A 202 -17.01 6.32 -4.57
C LEU A 202 -17.75 7.64 -4.67
N ASP A 203 -17.79 8.35 -3.55
CA ASP A 203 -18.36 9.68 -3.48
C ASP A 203 -17.26 10.72 -3.30
N ALA A 204 -17.32 11.78 -4.10
CA ALA A 204 -16.30 12.83 -4.05
C ALA A 204 -16.22 13.50 -2.66
N GLY A 205 -14.99 13.76 -2.22
CA GLY A 205 -14.77 14.47 -0.98
C GLY A 205 -14.88 13.65 0.29
N VAL A 206 -15.27 12.39 0.16
CA VAL A 206 -15.33 11.43 1.27
C VAL A 206 -13.95 10.77 1.37
N TYR A 207 -13.54 10.42 2.59
CA TYR A 207 -12.19 9.90 2.85
C TYR A 207 -12.22 8.38 3.11
N TYR A 208 -11.68 7.59 2.18
CA TYR A 208 -11.78 6.13 2.27
C TYR A 208 -10.51 5.46 2.79
N PRO A 209 -10.64 4.72 3.91
CA PRO A 209 -9.49 4.00 4.45
C PRO A 209 -8.82 3.11 3.40
N ILE A 210 -7.49 3.15 3.32
CA ILE A 210 -6.76 2.36 2.35
C ILE A 210 -5.47 1.80 2.97
N ARG A 211 -5.14 0.56 2.60
CA ARG A 211 -3.92 -0.11 3.07
C ARG A 211 -3.23 -0.78 1.88
N LEU A 212 -1.95 -0.48 1.68
CA LEU A 212 -1.17 -1.17 0.64
C LEU A 212 -0.04 -1.92 1.32
N PHE A 213 0.10 -3.19 0.97
CA PHE A 213 1.14 -4.04 1.56
C PHE A 213 2.00 -4.59 0.45
N TYR A 214 3.27 -4.22 0.50
CA TYR A 214 4.20 -4.54 -0.56
C TYR A 214 5.37 -5.39 -0.06
N ASN A 215 5.81 -6.33 -0.90
CA ASN A 215 7.05 -7.05 -0.64
C ASN A 215 7.91 -7.25 -1.90
N ASN A 216 9.22 -7.20 -1.70
CA ASN A 216 10.18 -7.71 -2.67
C ASN A 216 11.00 -8.79 -1.98
N ARG A 217 11.02 -9.99 -2.57
CA ARG A 217 11.74 -11.15 -2.02
C ARG A 217 13.15 -11.29 -2.60
N ASP A 218 13.40 -10.73 -3.78
CA ASP A 218 14.62 -11.03 -4.55
C ASP A 218 14.67 -10.18 -5.79
N ASN A 219 15.88 -9.80 -6.22
N ASN A 219 15.88 -9.82 -6.23
CA ASN A 219 16.09 -9.21 -7.54
CA ASN A 219 16.06 -9.27 -7.58
C ASN A 219 15.27 -7.93 -7.77
C ASN A 219 15.28 -7.95 -7.78
N ASN A 220 14.71 -7.75 -8.96
CA ASN A 220 13.97 -6.54 -9.26
C ASN A 220 12.78 -6.34 -8.36
N GLY A 221 12.37 -5.09 -8.25
CA GLY A 221 11.24 -4.71 -7.44
C GLY A 221 10.41 -3.70 -8.18
N ALA A 222 9.09 -3.88 -8.17
CA ALA A 222 8.20 -2.96 -8.86
C ALA A 222 6.90 -2.77 -8.14
N LEU A 223 6.34 -1.56 -8.28
CA LEU A 223 5.01 -1.27 -7.75
C LEU A 223 4.34 -0.29 -8.70
N SER A 224 3.14 -0.62 -9.13
CA SER A 224 2.33 0.34 -9.87
C SER A 224 0.94 0.44 -9.22
N PHE A 225 0.49 1.67 -9.02
CA PHE A 225 -0.81 1.95 -8.44
C PHE A 225 -1.34 3.20 -9.14
N THR A 226 -2.35 3.01 -10.00
CA THR A 226 -2.92 4.10 -10.78
C THR A 226 -4.42 3.90 -10.82
N PHE A 227 -5.18 4.90 -11.26
CA PHE A 227 -6.62 4.71 -11.46
C PHE A 227 -7.23 5.58 -12.57
N LYS A 228 -8.41 5.12 -13.02
CA LYS A 228 -9.28 5.84 -13.95
C LYS A 228 -10.70 5.91 -13.38
N THR A 229 -11.51 6.83 -13.88
CA THR A 229 -12.91 6.95 -13.46
C THR A 229 -13.81 7.03 -14.68
N GLU A 230 -15.11 6.96 -14.48
CA GLU A 230 -16.07 7.14 -15.61
C GLU A 230 -16.09 8.57 -16.13
N SER A 231 -15.52 9.50 -15.37
CA SER A 231 -15.71 10.93 -15.63
C SER A 231 -14.92 11.41 -16.85
N ASN A 232 -13.83 10.73 -17.18
CA ASN A 232 -12.99 11.11 -18.33
C ASN A 232 -12.02 9.96 -18.67
N GLU A 233 -11.09 10.19 -19.60
CA GLU A 233 -10.07 9.17 -19.93
C GLU A 233 -8.65 9.48 -19.40
N ASN A 234 -8.56 10.33 -18.38
CA ASN A 234 -7.28 10.58 -17.68
C ASN A 234 -6.93 9.42 -16.75
N THR A 235 -5.68 8.98 -16.79
CA THR A 235 -5.18 8.02 -15.81
C THR A 235 -4.48 8.83 -14.72
N VAL A 236 -4.82 8.57 -13.46
CA VAL A 236 -4.12 9.22 -12.34
C VAL A 236 -3.00 8.32 -11.78
N SER A 237 -1.78 8.87 -11.81
CA SER A 237 -0.56 8.25 -11.27
CA SER A 237 -0.59 8.24 -11.25
C SER A 237 0.02 9.07 -10.12
N ASP A 238 -0.35 10.35 -10.05
CA ASP A 238 0.11 11.29 -9.03
C ASP A 238 -1.02 11.57 -8.01
N PHE A 239 -0.82 11.09 -6.79
CA PHE A 239 -1.85 11.14 -5.75
C PHE A 239 -1.70 12.34 -4.79
N SER A 240 -1.04 13.41 -5.26
CA SER A 240 -0.82 14.63 -4.48
C SER A 240 -2.11 15.17 -3.89
N GLU A 241 -3.19 15.13 -4.67
CA GLU A 241 -4.49 15.62 -4.20
C GLU A 241 -5.48 14.53 -3.79
N TYR A 242 -5.01 13.30 -3.62
CA TYR A 242 -5.88 12.16 -3.35
C TYR A 242 -5.57 11.42 -2.05
N PHE A 243 -4.29 11.33 -1.66
CA PHE A 243 -3.89 10.57 -0.47
C PHE A 243 -3.78 11.49 0.74
N PHE A 244 -4.38 11.05 1.86
CA PHE A 244 -4.40 11.85 3.09
C PHE A 244 -4.31 11.02 4.36
N SER A 245 -3.87 11.67 5.44
CA SER A 245 -3.81 11.11 6.77
C SER A 245 -4.73 11.90 7.67
N LEU A 246 -5.47 11.19 8.53
CA LEU A 246 -6.31 11.81 9.53
C LEU A 246 -5.97 11.17 10.88
N ASP A 247 -5.74 12.02 11.88
CA ASP A 247 -5.51 11.51 13.23
C ASP A 247 -6.76 10.81 13.75
N ASP A 248 -6.55 9.81 14.58
CA ASP A 248 -7.64 9.13 15.27
C ASP A 248 -8.27 10.07 16.27
N THR A 249 -9.54 9.82 16.57
CA THR A 249 -10.27 10.63 17.54
C THR A 249 -10.96 9.72 18.56
N GLU A 250 -11.38 10.33 19.66
CA GLU A 250 -12.15 9.66 20.70
C GLU A 250 -13.33 8.91 20.08
N GLU A 251 -14.13 9.62 19.30
CA GLU A 251 -15.42 9.10 18.82
C GLU A 251 -15.36 8.52 17.39
N GLY A 252 -14.19 8.63 16.74
CA GLY A 252 -14.06 8.24 15.33
C GLY A 252 -14.68 9.29 14.43
N CYS A 253 -14.67 9.04 13.11
CA CYS A 253 -15.21 9.98 12.13
C CYS A 253 -16.01 9.24 11.04
N PRO A 254 -17.11 8.57 11.43
CA PRO A 254 -17.86 7.75 10.47
C PRO A 254 -18.44 8.56 9.31
N GLY A 255 -18.63 7.89 8.16
CA GLY A 255 -19.09 8.56 6.95
C GLY A 255 -20.53 9.04 7.15
N LEU A 256 -20.74 10.34 6.96
CA LEU A 256 -22.02 10.99 7.24
C LEU A 256 -22.94 11.15 6.02
N ILE A 257 -22.42 10.92 4.81
CA ILE A 257 -23.21 11.14 3.60
C ILE A 257 -24.03 9.91 3.25
N SER A 258 -23.77 8.78 3.70
C1 GLC B . 15.33 -16.75 -12.14
C2 GLC B . 14.38 -15.89 -11.32
C3 GLC B . 14.81 -14.42 -11.34
C4 GLC B . 16.30 -14.12 -11.68
C5 GLC B . 17.22 -15.23 -12.21
C6 GLC B . 18.65 -15.10 -11.67
O1 GLC B . 14.86 -17.60 -13.19
O2 GLC B . 13.04 -15.98 -11.85
O3 GLC B . 14.53 -13.83 -10.04
O4 GLC B . 16.25 -13.11 -12.69
O5 GLC B . 16.75 -16.55 -11.91
O6 GLC B . 19.26 -13.85 -12.05
C1 GAL B . 13.22 -13.21 -10.01
C2 GAL B . 12.86 -12.82 -8.59
C3 GAL B . 11.46 -12.19 -8.55
C4 GAL B . 11.29 -11.13 -9.63
C5 GAL B . 11.87 -11.51 -10.99
C6 GAL B . 11.89 -10.34 -11.97
O2 GAL B . 12.90 -13.93 -7.72
O3 GAL B . 11.24 -11.61 -7.29
O4 GAL B . 11.88 -9.93 -9.17
O5 GAL B . 13.16 -12.07 -10.86
O6 GAL B . 12.39 -10.70 -13.23
CA CA C . 11.45 -9.32 -6.97
C1 PEG D . 3.34 -16.75 -6.72
O1 PEG D . 2.15 -17.52 -6.55
C2 PEG D . 4.34 -17.47 -7.64
O2 PEG D . 5.69 -17.12 -7.23
C3 PEG D . 6.67 -17.09 -8.30
C3 PEG D . 6.82 -17.81 -7.85
C4 PEG D . 7.64 -18.26 -8.24
C4 PEG D . 6.52 -18.93 -8.86
O4 PEG D . 8.69 -18.03 -9.20
O4 PEG D . 7.53 -19.94 -8.75
C1 GOL E . -9.52 10.63 -13.27
O1 GOL E . -10.79 10.41 -13.83
C2 GOL E . -9.48 11.98 -12.56
O2 GOL E . -9.56 13.04 -13.49
C3 GOL E . -10.57 12.12 -11.51
O3 GOL E . -10.22 11.40 -10.33
C1 GOL F . -12.34 1.91 -16.23
O1 GOL F . -11.12 2.47 -16.68
C2 GOL F . -13.22 2.98 -15.60
O2 GOL F . -13.55 3.94 -16.56
C3 GOL F . -14.51 2.37 -15.04
O3 GOL F . -14.68 2.76 -13.69
C1 GOL G . -13.47 -5.28 -8.71
O1 GOL G . -13.90 -6.09 -7.65
C2 GOL G . -13.61 -5.96 -10.07
O2 GOL G . -14.96 -6.28 -10.32
C3 GOL G . -13.12 -5.04 -11.18
O3 GOL G . -12.64 -5.80 -12.27
#